data_2JO9
#
_entry.id   2JO9
#
_cell.length_a   1.000
_cell.length_b   1.000
_cell.length_c   1.000
_cell.angle_alpha   90.00
_cell.angle_beta   90.00
_cell.angle_gamma   90.00
#
_symmetry.space_group_name_H-M   'P 1'
#
loop_
_entity.id
_entity.type
_entity.pdbx_description
1 polymer 'Itchy E3 ubiquitin protein ligase'
2 polymer 'Latent membrane protein 2'
#
loop_
_entity_poly.entity_id
_entity_poly.type
_entity_poly.pdbx_seq_one_letter_code
_entity_poly.pdbx_strand_id
1 'polypeptide(L)' GAMGPLPPGWEKRTDSNGRVYFVNHNTRITQWEDPRS A
2 'polypeptide(L)' EEPPPPYED B
#
# COMPACT_ATOMS: atom_id res chain seq x y z
N PRO A 5 5.81 7.78 -8.21
CA PRO A 5 5.78 8.70 -7.07
C PRO A 5 4.35 8.89 -6.56
N LEU A 6 4.14 8.68 -5.27
CA LEU A 6 2.78 8.71 -4.73
C LEU A 6 2.37 10.10 -4.27
N PRO A 7 1.06 10.37 -4.36
CA PRO A 7 0.42 11.55 -3.84
C PRO A 7 -0.16 11.22 -2.47
N PRO A 8 0.43 11.69 -1.37
CA PRO A 8 0.28 10.97 -0.13
C PRO A 8 -0.90 11.35 0.74
N GLY A 9 -2.01 10.68 0.45
CA GLY A 9 -2.85 10.09 1.47
C GLY A 9 -2.31 8.68 1.66
N TRP A 10 -1.59 8.30 0.61
CA TRP A 10 -0.94 7.01 0.44
C TRP A 10 0.46 7.08 1.02
N GLU A 11 0.96 5.96 1.49
CA GLU A 11 2.26 5.91 2.10
C GLU A 11 3.00 4.76 1.46
N LYS A 12 4.30 4.86 1.39
CA LYS A 12 5.06 3.85 0.75
C LYS A 12 5.44 2.79 1.78
N ARG A 13 4.80 1.64 1.68
CA ARG A 13 5.20 0.49 2.47
C ARG A 13 5.68 -0.63 1.56
N THR A 14 6.85 -1.15 1.86
CA THR A 14 7.34 -2.33 1.19
C THR A 14 6.88 -3.56 1.97
N ASP A 15 6.67 -4.65 1.28
CA ASP A 15 6.46 -5.92 1.95
C ASP A 15 7.83 -6.52 2.11
N SER A 16 8.00 -7.31 3.16
CA SER A 16 9.29 -7.52 3.82
C SER A 16 10.52 -7.36 2.91
N ASN A 17 10.59 -8.03 1.77
CA ASN A 17 11.80 -7.93 0.98
C ASN A 17 11.75 -6.79 -0.05
N GLY A 18 11.09 -7.05 -1.16
CA GLY A 18 11.15 -6.18 -2.32
C GLY A 18 10.11 -5.09 -2.45
N ARG A 19 8.87 -5.50 -2.41
CA ARG A 19 7.81 -4.83 -3.16
C ARG A 19 7.13 -3.71 -2.38
N VAL A 20 6.95 -2.57 -3.05
CA VAL A 20 6.19 -1.48 -2.47
C VAL A 20 4.74 -1.52 -2.94
N TYR A 21 3.86 -1.28 -2.01
CA TYR A 21 2.47 -1.08 -2.28
C TYR A 21 2.01 0.21 -1.62
N PHE A 22 1.11 0.90 -2.28
CA PHE A 22 0.65 2.18 -1.82
C PHE A 22 -0.52 1.98 -0.89
N VAL A 23 -0.40 2.48 0.33
CA VAL A 23 -1.39 2.25 1.36
C VAL A 23 -1.94 3.57 1.91
N ASN A 24 -3.25 3.69 1.95
CA ASN A 24 -3.90 4.91 2.41
C ASN A 24 -4.38 4.75 3.85
N HIS A 25 -4.08 5.74 4.68
CA HIS A 25 -4.45 5.69 6.10
C HIS A 25 -5.91 6.04 6.33
N ASN A 26 -6.45 6.89 5.47
CA ASN A 26 -7.82 7.38 5.65
C ASN A 26 -8.84 6.31 5.32
N THR A 27 -8.59 5.59 4.24
CA THR A 27 -9.48 4.54 3.80
C THR A 27 -9.07 3.21 4.43
N ARG A 28 -7.82 3.15 4.88
CA ARG A 28 -7.24 1.95 5.47
C ARG A 28 -7.26 0.80 4.47
N ILE A 29 -6.50 0.96 3.39
CA ILE A 29 -6.44 -0.06 2.36
C ILE A 29 -5.05 -0.13 1.74
N THR A 30 -4.67 -1.33 1.37
CA THR A 30 -3.39 -1.57 0.73
C THR A 30 -3.60 -1.97 -0.73
N GLN A 31 -3.07 -1.18 -1.64
CA GLN A 31 -3.27 -1.44 -3.06
C GLN A 31 -1.96 -1.62 -3.80
N TRP A 32 -1.98 -2.47 -4.81
CA TRP A 32 -0.81 -2.70 -5.66
C TRP A 32 -0.79 -1.67 -6.78
N GLU A 33 -1.83 -0.85 -6.81
CA GLU A 33 -2.07 0.05 -7.91
C GLU A 33 -1.63 1.47 -7.58
N ASP A 34 -1.14 2.18 -8.58
CA ASP A 34 -0.84 3.59 -8.46
C ASP A 34 -1.89 4.39 -9.22
N PRO A 35 -2.77 5.11 -8.47
CA PRO A 35 -3.81 5.97 -9.04
C PRO A 35 -3.36 6.84 -10.21
N GLU B 1 -2.57 -13.29 -9.55
CA GLU B 1 -3.22 -13.92 -8.38
C GLU B 1 -2.35 -13.82 -7.14
N GLU B 2 -2.35 -12.66 -6.51
CA GLU B 2 -1.66 -12.50 -5.24
C GLU B 2 -2.62 -11.88 -4.23
N PRO B 3 -2.48 -12.21 -2.95
CA PRO B 3 -3.23 -11.53 -1.90
C PRO B 3 -2.61 -10.18 -1.56
N PRO B 4 -3.43 -9.21 -1.17
CA PRO B 4 -2.96 -8.01 -0.49
C PRO B 4 -2.67 -8.32 0.99
N PRO B 5 -1.69 -7.64 1.59
CA PRO B 5 -1.50 -7.72 3.02
C PRO B 5 -2.53 -6.86 3.74
N PRO B 6 -2.95 -7.24 4.94
CA PRO B 6 -4.00 -6.50 5.64
C PRO B 6 -3.46 -5.23 6.26
N TYR B 7 -4.31 -4.22 6.36
CA TYR B 7 -3.89 -2.96 6.94
C TYR B 7 -3.88 -3.07 8.46
N GLU B 8 -2.69 -3.30 8.98
CA GLU B 8 -2.45 -3.34 10.40
C GLU B 8 -0.96 -3.21 10.63
N ASP B 9 -0.54 -2.09 11.17
CA ASP B 9 0.88 -1.80 11.34
C ASP B 9 1.50 -2.70 12.39
N PRO A 5 5.28 7.47 -8.94
CA PRO A 5 5.51 8.14 -7.65
C PRO A 5 4.17 8.42 -6.99
N LEU A 6 4.10 8.33 -5.68
CA LEU A 6 2.80 8.39 -5.02
C LEU A 6 2.41 9.82 -4.65
N PRO A 7 1.11 10.12 -4.76
CA PRO A 7 0.53 11.40 -4.34
C PRO A 7 0.03 11.25 -2.92
N PRO A 8 0.72 11.82 -1.93
CA PRO A 8 0.58 11.28 -0.61
C PRO A 8 -0.54 11.86 0.22
N GLY A 9 -1.69 11.23 0.05
CA GLY A 9 -2.52 10.85 1.17
C GLY A 9 -2.08 9.46 1.56
N TRP A 10 -1.46 8.84 0.55
CA TRP A 10 -0.93 7.50 0.57
C TRP A 10 0.52 7.52 1.07
N GLU A 11 0.94 6.46 1.71
CA GLU A 11 2.32 6.31 2.10
C GLU A 11 2.89 5.17 1.29
N LYS A 12 4.16 5.22 1.00
CA LYS A 12 4.80 4.19 0.27
C LYS A 12 5.45 3.20 1.26
N ARG A 13 4.93 1.98 1.31
CA ARG A 13 5.50 0.96 2.19
C ARG A 13 5.85 -0.30 1.42
N THR A 14 7.00 -0.86 1.74
CA THR A 14 7.40 -2.19 1.31
C THR A 14 6.94 -3.21 2.34
N ASP A 15 6.66 -4.42 1.89
CA ASP A 15 6.48 -5.50 2.82
C ASP A 15 7.86 -6.07 2.99
N SER A 16 8.13 -6.63 4.15
CA SER A 16 9.50 -6.73 4.69
C SER A 16 10.60 -6.81 3.63
N ASN A 17 10.50 -7.73 2.68
CA ASN A 17 11.59 -7.86 1.72
C ASN A 17 11.38 -6.99 0.48
N GLY A 18 10.55 -7.48 -0.44
CA GLY A 18 10.49 -6.93 -1.78
C GLY A 18 9.49 -5.83 -2.07
N ARG A 19 8.23 -6.03 -1.72
CA ARG A 19 7.14 -5.40 -2.49
C ARG A 19 6.75 -4.03 -1.98
N VAL A 20 6.70 -3.10 -2.91
CA VAL A 20 6.19 -1.77 -2.64
C VAL A 20 4.72 -1.70 -3.05
N TYR A 21 3.91 -1.18 -2.15
CA TYR A 21 2.49 -1.04 -2.38
C TYR A 21 1.96 0.21 -1.73
N PHE A 22 0.92 0.79 -2.30
CA PHE A 22 0.42 2.07 -1.84
C PHE A 22 -0.62 1.86 -0.77
N VAL A 23 -0.28 2.34 0.41
CA VAL A 23 -1.10 2.16 1.59
C VAL A 23 -1.57 3.52 2.10
N ASN A 24 -2.82 3.59 2.55
CA ASN A 24 -3.39 4.85 3.01
C ASN A 24 -4.14 4.64 4.31
N HIS A 25 -3.77 5.39 5.34
CA HIS A 25 -4.43 5.27 6.65
C HIS A 25 -5.84 5.85 6.61
N ASN A 26 -6.03 6.89 5.82
CA ASN A 26 -7.31 7.60 5.78
C ASN A 26 -8.37 6.72 5.15
N THR A 27 -7.98 5.94 4.16
CA THR A 27 -8.88 5.01 3.51
C THR A 27 -8.87 3.65 4.20
N ARG A 28 -7.75 3.35 4.87
CA ARG A 28 -7.54 2.06 5.54
C ARG A 28 -7.42 0.94 4.51
N ILE A 29 -6.84 1.28 3.36
CA ILE A 29 -6.77 0.34 2.24
C ILE A 29 -5.34 0.22 1.71
N THR A 30 -4.96 -1.00 1.33
CA THR A 30 -3.68 -1.27 0.70
C THR A 30 -3.90 -1.77 -0.72
N GLN A 31 -3.56 -0.95 -1.71
CA GLN A 31 -3.81 -1.29 -3.11
C GLN A 31 -2.51 -1.34 -3.91
N TRP A 32 -2.51 -2.18 -4.94
CA TRP A 32 -1.38 -2.28 -5.86
C TRP A 32 -1.38 -1.12 -6.84
N GLU A 33 -2.54 -0.51 -7.03
CA GLU A 33 -2.70 0.53 -8.03
C GLU A 33 -2.42 1.92 -7.46
N ASP A 34 -1.75 2.75 -8.25
CA ASP A 34 -1.51 4.13 -7.89
C ASP A 34 -2.46 5.04 -8.67
N PRO A 35 -3.26 5.82 -7.94
CA PRO A 35 -4.25 6.77 -8.51
C PRO A 35 -3.75 7.69 -9.64
N GLU B 1 -1.38 -11.49 -9.25
CA GLU B 1 -0.74 -12.83 -9.11
C GLU B 1 -0.81 -13.32 -7.68
N GLU B 2 -0.03 -12.69 -6.81
CA GLU B 2 0.01 -13.05 -5.41
C GLU B 2 -0.94 -12.18 -4.61
N PRO B 3 -1.50 -12.72 -3.51
CA PRO B 3 -2.49 -12.00 -2.71
C PRO B 3 -1.84 -10.95 -1.82
N PRO B 4 -2.57 -9.86 -1.56
CA PRO B 4 -2.03 -8.69 -0.87
C PRO B 4 -1.92 -8.88 0.64
N PRO B 5 -0.93 -8.24 1.27
CA PRO B 5 -0.79 -8.25 2.72
C PRO B 5 -1.79 -7.27 3.34
N PRO B 6 -2.26 -7.56 4.55
CA PRO B 6 -3.35 -6.82 5.16
C PRO B 6 -2.90 -5.47 5.74
N TYR B 7 -3.83 -4.51 5.72
CA TYR B 7 -3.60 -3.23 6.35
C TYR B 7 -3.80 -3.35 7.86
N GLU B 8 -2.85 -2.84 8.64
CA GLU B 8 -2.93 -2.91 10.09
C GLU B 8 -2.19 -1.75 10.75
N ASP B 9 -2.95 -0.85 11.37
CA ASP B 9 -2.39 0.26 12.15
C ASP B 9 -3.49 0.94 12.92
N PRO A 5 5.40 7.47 -8.51
CA PRO A 5 5.29 8.53 -7.50
C PRO A 5 3.87 8.71 -6.95
N LEU A 6 3.71 8.52 -5.65
CA LEU A 6 2.39 8.57 -5.04
C LEU A 6 2.06 9.99 -4.56
N PRO A 7 0.76 10.32 -4.57
CA PRO A 7 0.23 11.58 -4.06
C PRO A 7 -0.23 11.36 -2.62
N PRO A 8 0.46 11.92 -1.63
CA PRO A 8 0.40 11.34 -0.32
C PRO A 8 -0.72 11.84 0.59
N GLY A 9 -1.85 11.17 0.46
CA GLY A 9 -2.61 10.69 1.59
C GLY A 9 -2.09 9.30 1.86
N TRP A 10 -1.47 8.80 0.79
CA TRP A 10 -0.85 7.48 0.70
C TRP A 10 0.59 7.56 1.14
N GLU A 11 1.10 6.48 1.68
CA GLU A 11 2.51 6.40 2.01
C GLU A 11 3.08 5.22 1.25
N LYS A 12 4.34 5.30 0.91
CA LYS A 12 4.97 4.22 0.21
C LYS A 12 5.59 3.26 1.22
N ARG A 13 5.02 2.06 1.35
CA ARG A 13 5.59 1.05 2.25
C ARG A 13 5.91 -0.24 1.50
N THR A 14 7.04 -0.82 1.86
CA THR A 14 7.43 -2.13 1.35
C THR A 14 6.92 -3.21 2.28
N ASP A 15 6.64 -4.39 1.73
CA ASP A 15 6.46 -5.56 2.55
C ASP A 15 7.86 -6.14 2.67
N SER A 16 8.12 -6.82 3.77
CA SER A 16 9.44 -6.82 4.42
C SER A 16 10.61 -6.59 3.46
N ASN A 17 10.79 -7.42 2.44
CA ASN A 17 11.96 -7.26 1.59
C ASN A 17 11.72 -6.34 0.40
N GLY A 18 11.10 -6.89 -0.63
CA GLY A 18 11.12 -6.28 -1.95
C GLY A 18 9.99 -5.33 -2.29
N ARG A 19 8.77 -5.73 -1.98
CA ARG A 19 7.62 -5.24 -2.71
C ARG A 19 7.03 -3.97 -2.11
N VAL A 20 6.77 -3.00 -2.98
CA VAL A 20 6.16 -1.75 -2.60
C VAL A 20 4.67 -1.75 -2.94
N TYR A 21 3.87 -1.32 -1.98
CA TYR A 21 2.46 -1.14 -2.20
C TYR A 21 2.03 0.22 -1.67
N PHE A 22 1.01 0.80 -2.28
CA PHE A 22 0.56 2.11 -1.88
C PHE A 22 -0.50 1.96 -0.80
N VAL A 23 -0.17 2.46 0.38
CA VAL A 23 -1.00 2.26 1.54
C VAL A 23 -1.51 3.60 2.08
N ASN A 24 -2.82 3.67 2.33
CA ASN A 24 -3.49 4.91 2.73
C ASN A 24 -4.16 4.75 4.10
N HIS A 25 -4.06 5.78 4.94
CA HIS A 25 -4.64 5.76 6.28
C HIS A 25 -6.10 6.20 6.26
N ASN A 26 -6.47 7.03 5.30
CA ASN A 26 -7.83 7.57 5.24
C ASN A 26 -8.84 6.47 4.94
N THR A 27 -8.60 5.71 3.88
CA THR A 27 -9.48 4.62 3.51
C THR A 27 -9.10 3.34 4.24
N ARG A 28 -7.85 3.30 4.72
CA ARG A 28 -7.28 2.12 5.37
C ARG A 28 -7.32 0.91 4.44
N ILE A 29 -6.49 0.96 3.41
CA ILE A 29 -6.44 -0.11 2.42
C ILE A 29 -5.03 -0.24 1.84
N THR A 30 -4.68 -1.45 1.45
CA THR A 30 -3.43 -1.73 0.78
C THR A 30 -3.70 -2.09 -0.69
N GLN A 31 -3.38 -1.18 -1.61
CA GLN A 31 -3.73 -1.37 -3.00
C GLN A 31 -2.48 -1.57 -3.87
N TRP A 32 -2.64 -2.33 -4.95
CA TRP A 32 -1.55 -2.57 -5.90
C TRP A 32 -1.63 -1.57 -7.04
N GLU A 33 -2.37 -0.49 -6.82
CA GLU A 33 -2.74 0.40 -7.91
C GLU A 33 -2.21 1.81 -7.70
N ASP A 34 -1.91 2.48 -8.80
CA ASP A 34 -1.54 3.89 -8.80
C ASP A 34 -2.73 4.70 -9.29
N PRO A 35 -3.52 5.27 -8.37
CA PRO A 35 -4.71 6.06 -8.70
C PRO A 35 -4.48 7.12 -9.78
N GLU B 1 -2.40 -13.91 -9.50
CA GLU B 1 -3.41 -14.50 -8.59
C GLU B 1 -2.98 -14.35 -7.12
N GLU B 2 -2.14 -13.35 -6.85
CA GLU B 2 -1.53 -13.21 -5.54
C GLU B 2 -2.47 -12.49 -4.58
N PRO B 3 -2.41 -12.81 -3.28
CA PRO B 3 -3.18 -12.11 -2.26
C PRO B 3 -2.58 -10.76 -1.87
N PRO B 4 -3.42 -9.79 -1.48
CA PRO B 4 -2.97 -8.57 -0.82
C PRO B 4 -2.67 -8.82 0.66
N PRO B 5 -1.72 -8.08 1.24
CA PRO B 5 -1.48 -8.09 2.68
C PRO B 5 -2.52 -7.25 3.42
N PRO B 6 -2.86 -7.62 4.66
CA PRO B 6 -3.90 -6.92 5.43
C PRO B 6 -3.38 -5.61 6.02
N TYR B 7 -4.28 -4.64 6.16
CA TYR B 7 -3.91 -3.32 6.64
C TYR B 7 -3.74 -3.35 8.17
N GLU B 8 -2.78 -2.56 8.65
CA GLU B 8 -2.37 -2.59 10.05
C GLU B 8 -3.42 -2.03 11.00
N ASP B 9 -3.49 -0.71 11.11
CA ASP B 9 -4.32 -0.06 12.14
C ASP B 9 -5.28 0.93 11.50
N PRO A 5 4.23 8.11 -9.56
CA PRO A 5 4.11 9.00 -8.41
C PRO A 5 2.68 8.99 -7.86
N LEU A 6 2.53 8.77 -6.57
CA LEU A 6 1.22 8.70 -5.98
C LEU A 6 0.74 10.08 -5.53
N PRO A 7 -0.57 10.32 -5.55
CA PRO A 7 -1.17 11.50 -5.00
C PRO A 7 -1.49 11.24 -3.54
N PRO A 8 -0.72 11.83 -2.61
CA PRO A 8 -0.55 11.19 -1.34
C PRO A 8 -1.56 11.56 -0.28
N GLY A 9 -2.62 10.77 -0.29
CA GLY A 9 -3.23 10.26 0.92
C GLY A 9 -2.53 8.95 1.20
N TRP A 10 -1.94 8.46 0.11
CA TRP A 10 -1.27 7.18 0.01
C TRP A 10 0.19 7.32 0.38
N GLU A 11 0.77 6.27 0.92
CA GLU A 11 2.16 6.28 1.32
C GLU A 11 2.84 5.07 0.72
N LYS A 12 4.11 5.19 0.45
CA LYS A 12 4.86 4.12 -0.13
C LYS A 12 5.48 3.28 0.99
N ARG A 13 5.00 2.06 1.15
CA ARG A 13 5.56 1.14 2.14
C ARG A 13 5.85 -0.21 1.52
N THR A 14 6.98 -0.77 1.91
CA THR A 14 7.36 -2.11 1.51
C THR A 14 6.91 -3.14 2.55
N ASP A 15 6.64 -4.34 2.10
CA ASP A 15 6.48 -5.45 3.01
C ASP A 15 7.85 -6.03 3.19
N SER A 16 8.11 -6.61 4.34
CA SER A 16 9.43 -6.63 4.98
C SER A 16 10.60 -6.57 4.00
N ASN A 17 10.69 -7.48 3.04
CA ASN A 17 11.82 -7.45 2.15
C ASN A 17 11.59 -6.60 0.88
N GLY A 18 10.90 -7.22 -0.07
CA GLY A 18 10.86 -6.70 -1.43
C GLY A 18 9.76 -5.74 -1.78
N ARG A 19 8.52 -6.10 -1.48
CA ARG A 19 7.40 -5.57 -2.25
C ARG A 19 6.85 -4.28 -1.70
N VAL A 20 6.73 -3.29 -2.57
CA VAL A 20 6.10 -2.03 -2.22
C VAL A 20 4.63 -2.05 -2.61
N TYR A 21 3.81 -1.54 -1.71
CA TYR A 21 2.41 -1.40 -1.94
C TYR A 21 1.95 -0.02 -1.52
N PHE A 22 0.91 0.48 -2.17
CA PHE A 22 0.42 1.82 -1.90
C PHE A 22 -0.62 1.75 -0.80
N VAL A 23 -0.18 2.08 0.40
CA VAL A 23 -0.99 1.97 1.59
C VAL A 23 -1.55 3.34 1.97
N ASN A 24 -2.74 3.36 2.55
CA ASN A 24 -3.37 4.61 2.90
C ASN A 24 -4.01 4.50 4.28
N HIS A 25 -3.41 5.20 5.27
CA HIS A 25 -3.93 5.19 6.66
C HIS A 25 -5.41 5.58 6.70
N ASN A 26 -5.78 6.59 5.92
CA ASN A 26 -7.12 7.15 5.98
C ASN A 26 -8.17 6.11 5.62
N THR A 27 -7.89 5.30 4.62
CA THR A 27 -8.81 4.26 4.19
C THR A 27 -8.58 2.94 4.92
N ARG A 28 -7.38 2.80 5.50
CA ARG A 28 -6.94 1.55 6.09
C ARG A 28 -6.90 0.44 5.04
N ILE A 29 -6.57 0.82 3.82
CA ILE A 29 -6.55 -0.12 2.70
C ILE A 29 -5.17 -0.13 2.02
N THR A 30 -4.78 -1.30 1.55
CA THR A 30 -3.55 -1.47 0.80
C THR A 30 -3.86 -1.76 -0.66
N GLN A 31 -3.49 -0.85 -1.55
CA GLN A 31 -3.85 -0.97 -2.95
C GLN A 31 -2.60 -1.07 -3.82
N TRP A 32 -2.71 -1.76 -4.96
CA TRP A 32 -1.64 -1.81 -5.93
C TRP A 32 -1.63 -0.55 -6.78
N GLU A 33 -2.83 -0.09 -7.13
CA GLU A 33 -2.99 0.91 -8.17
C GLU A 33 -3.10 2.31 -7.59
N ASP A 34 -2.43 3.25 -8.24
CA ASP A 34 -2.51 4.66 -7.88
C ASP A 34 -3.63 5.36 -8.65
N PRO A 35 -4.70 5.74 -7.94
CA PRO A 35 -5.84 6.45 -8.52
C PRO A 35 -5.44 7.56 -9.50
N GLU B 1 -2.59 -9.76 -10.50
CA GLU B 1 -2.85 -11.19 -10.22
C GLU B 1 -2.65 -11.53 -8.75
N GLU B 2 -1.63 -10.95 -8.10
CA GLU B 2 -1.35 -11.29 -6.72
C GLU B 2 -2.23 -10.45 -5.79
N PRO B 3 -2.58 -11.02 -4.63
CA PRO B 3 -3.37 -10.33 -3.60
C PRO B 3 -2.55 -9.34 -2.78
N PRO B 4 -3.16 -8.26 -2.31
CA PRO B 4 -2.51 -7.30 -1.44
C PRO B 4 -2.44 -7.81 0.00
N PRO B 5 -1.39 -7.42 0.74
CA PRO B 5 -1.21 -7.79 2.14
C PRO B 5 -2.12 -6.94 3.03
N PRO B 6 -2.57 -7.48 4.17
CA PRO B 6 -3.58 -6.80 4.98
C PRO B 6 -2.96 -5.66 5.81
N TYR B 7 -3.78 -4.64 6.05
CA TYR B 7 -3.30 -3.38 6.59
C TYR B 7 -3.06 -3.43 8.09
N GLU B 8 -1.81 -3.18 8.45
CA GLU B 8 -1.46 -2.92 9.84
C GLU B 8 -0.70 -1.60 9.91
N ASP B 9 -0.66 -1.00 11.09
CA ASP B 9 -0.03 0.30 11.26
C ASP B 9 1.49 0.16 11.27
N PRO A 5 4.16 7.15 -9.63
CA PRO A 5 4.17 8.17 -8.58
C PRO A 5 2.79 8.34 -7.97
N LEU A 6 2.71 8.40 -6.66
CA LEU A 6 1.42 8.49 -6.01
C LEU A 6 1.07 9.93 -5.62
N PRO A 7 -0.24 10.24 -5.64
CA PRO A 7 -0.78 11.44 -5.01
C PRO A 7 -1.12 11.11 -3.57
N PRO A 8 -0.46 11.71 -2.57
CA PRO A 8 -0.35 11.04 -1.31
C PRO A 8 -1.47 11.30 -0.32
N GLY A 9 -2.48 10.47 -0.46
CA GLY A 9 -3.17 9.86 0.64
C GLY A 9 -2.44 8.56 0.92
N TRP A 10 -1.72 8.17 -0.13
CA TRP A 10 -0.96 6.94 -0.25
C TRP A 10 0.45 7.16 0.27
N GLU A 11 1.04 6.10 0.79
CA GLU A 11 2.34 6.17 1.38
C GLU A 11 3.09 4.94 0.92
N LYS A 12 4.26 5.15 0.39
CA LYS A 12 4.90 4.14 -0.39
C LYS A 12 5.74 3.26 0.53
N ARG A 13 5.16 2.15 0.99
CA ARG A 13 5.82 1.30 1.99
C ARG A 13 6.03 -0.11 1.46
N THR A 14 7.21 -0.66 1.74
CA THR A 14 7.53 -2.03 1.40
C THR A 14 7.14 -2.98 2.52
N ASP A 15 6.81 -4.20 2.15
CA ASP A 15 6.67 -5.28 3.11
C ASP A 15 8.04 -5.91 3.24
N SER A 16 8.31 -6.46 4.41
CA SER A 16 9.67 -6.65 4.94
C SER A 16 10.76 -6.83 3.88
N ASN A 17 10.58 -7.74 2.93
CA ASN A 17 11.66 -7.98 1.98
C ASN A 17 11.55 -7.10 0.73
N GLY A 18 10.69 -7.54 -0.19
CA GLY A 18 10.60 -6.96 -1.52
C GLY A 18 9.59 -5.85 -1.73
N ARG A 19 8.35 -6.16 -1.42
CA ARG A 19 7.22 -5.60 -2.15
C ARG A 19 6.69 -4.30 -1.58
N VAL A 20 6.47 -3.34 -2.47
CA VAL A 20 5.86 -2.08 -2.07
C VAL A 20 4.40 -2.07 -2.51
N TYR A 21 3.60 -1.40 -1.71
CA TYR A 21 2.19 -1.24 -1.97
C TYR A 21 1.77 0.14 -1.50
N PHE A 22 0.76 0.72 -2.13
CA PHE A 22 0.37 2.09 -1.82
C PHE A 22 -0.63 2.05 -0.70
N VAL A 23 -0.15 2.39 0.47
CA VAL A 23 -0.92 2.27 1.68
C VAL A 23 -1.68 3.54 1.93
N ASN A 24 -2.89 3.42 2.45
CA ASN A 24 -3.67 4.58 2.80
C ASN A 24 -4.09 4.49 4.25
N HIS A 25 -3.29 5.09 5.15
CA HIS A 25 -3.57 5.05 6.59
C HIS A 25 -4.93 5.64 6.94
N ASN A 26 -5.43 6.51 6.07
CA ASN A 26 -6.71 7.19 6.32
C ASN A 26 -7.86 6.20 6.21
N THR A 27 -7.94 5.54 5.05
CA THR A 27 -9.01 4.59 4.79
C THR A 27 -8.71 3.20 5.36
N ARG A 28 -7.43 2.95 5.64
CA ARG A 28 -6.95 1.66 6.15
C ARG A 28 -6.98 0.61 5.05
N ILE A 29 -6.74 1.06 3.83
CA ILE A 29 -6.76 0.20 2.67
C ILE A 29 -5.35 0.08 2.05
N THR A 30 -5.03 -1.11 1.57
CA THR A 30 -3.76 -1.34 0.89
C THR A 30 -3.98 -1.62 -0.59
N GLN A 31 -3.66 -0.64 -1.42
CA GLN A 31 -3.89 -0.73 -2.87
C GLN A 31 -2.58 -0.66 -3.64
N TRP A 32 -2.57 -1.32 -4.79
CA TRP A 32 -1.38 -1.34 -5.65
C TRP A 32 -1.38 -0.14 -6.61
N GLU A 33 -2.57 0.42 -6.84
CA GLU A 33 -2.76 1.39 -7.91
C GLU A 33 -2.70 2.83 -7.39
N ASP A 34 -2.25 3.73 -8.27
CA ASP A 34 -2.23 5.16 -7.97
C ASP A 34 -3.29 5.90 -8.79
N PRO A 35 -4.41 6.27 -8.15
CA PRO A 35 -5.47 7.08 -8.75
C PRO A 35 -4.94 8.25 -9.58
N GLU B 1 0.31 -13.57 -10.66
CA GLU B 1 0.03 -12.38 -9.83
C GLU B 1 -0.07 -12.77 -8.36
N GLU B 2 0.38 -11.89 -7.48
CA GLU B 2 0.40 -12.17 -6.07
C GLU B 2 -0.75 -11.46 -5.35
N PRO B 3 -1.26 -12.05 -4.27
CA PRO B 3 -2.29 -11.42 -3.45
C PRO B 3 -1.69 -10.37 -2.52
N PRO B 4 -2.46 -9.31 -2.21
CA PRO B 4 -1.99 -8.22 -1.36
C PRO B 4 -1.99 -8.59 0.12
N PRO B 5 -1.07 -8.01 0.89
CA PRO B 5 -1.05 -8.19 2.33
C PRO B 5 -2.10 -7.30 2.99
N PRO B 6 -2.66 -7.73 4.12
CA PRO B 6 -3.72 -6.99 4.80
C PRO B 6 -3.18 -5.81 5.59
N TYR B 7 -3.99 -4.77 5.70
CA TYR B 7 -3.60 -3.58 6.43
C TYR B 7 -3.76 -3.82 7.94
N GLU B 8 -2.73 -3.43 8.68
CA GLU B 8 -2.73 -3.62 10.12
C GLU B 8 -1.81 -2.60 10.78
N ASP B 9 -0.76 -2.22 10.06
CA ASP B 9 0.18 -1.20 10.53
C ASP B 9 -0.07 0.12 9.81
N PRO A 5 4.12 7.33 -9.07
CA PRO A 5 4.12 8.42 -8.10
C PRO A 5 2.72 8.63 -7.54
N LEU A 6 2.56 8.45 -6.24
CA LEU A 6 1.25 8.47 -5.63
C LEU A 6 0.84 9.88 -5.17
N PRO A 7 -0.47 10.15 -5.18
CA PRO A 7 -1.04 11.35 -4.60
C PRO A 7 -1.38 11.05 -3.15
N PRO A 8 -0.61 11.60 -2.19
CA PRO A 8 -0.46 10.91 -0.94
C PRO A 8 -1.47 11.23 0.13
N GLY A 9 -2.55 10.46 0.08
CA GLY A 9 -3.17 9.88 1.25
C GLY A 9 -2.50 8.54 1.44
N TRP A 10 -1.91 8.12 0.32
CA TRP A 10 -1.21 6.88 0.11
C TRP A 10 0.26 7.10 0.48
N GLU A 11 0.95 6.08 0.94
CA GLU A 11 2.30 6.26 1.38
C GLU A 11 3.01 5.04 0.92
N LYS A 12 4.23 5.19 0.52
CA LYS A 12 4.87 4.11 -0.12
C LYS A 12 5.57 3.24 0.92
N ARG A 13 5.06 2.04 1.14
CA ARG A 13 5.66 1.12 2.09
C ARG A 13 5.90 -0.24 1.47
N THR A 14 7.03 -0.79 1.80
CA THR A 14 7.39 -2.15 1.44
C THR A 14 6.93 -3.11 2.53
N ASP A 15 6.61 -4.32 2.15
CA ASP A 15 6.46 -5.36 3.14
C ASP A 15 7.84 -5.94 3.30
N SER A 16 8.14 -6.45 4.49
CA SER A 16 9.49 -6.45 5.05
C SER A 16 10.63 -6.48 4.02
N ASN A 17 10.65 -7.43 3.10
CA ASN A 17 11.77 -7.53 2.18
C ASN A 17 11.54 -6.73 0.89
N GLY A 18 10.79 -7.32 -0.02
CA GLY A 18 10.72 -6.84 -1.40
C GLY A 18 9.66 -5.83 -1.74
N ARG A 19 8.42 -6.17 -1.44
CA ARG A 19 7.28 -5.64 -2.20
C ARG A 19 6.73 -4.34 -1.64
N VAL A 20 6.50 -3.38 -2.53
CA VAL A 20 5.81 -2.14 -2.17
C VAL A 20 4.33 -2.25 -2.44
N TYR A 21 3.56 -1.62 -1.58
CA TYR A 21 2.15 -1.49 -1.75
C TYR A 21 1.73 -0.11 -1.25
N PHE A 22 0.73 0.46 -1.90
CA PHE A 22 0.31 1.82 -1.60
C PHE A 22 -0.73 1.79 -0.51
N VAL A 23 -0.33 2.23 0.66
CA VAL A 23 -1.14 2.15 1.84
C VAL A 23 -1.78 3.49 2.17
N ASN A 24 -3.11 3.49 2.27
CA ASN A 24 -3.86 4.69 2.56
C ASN A 24 -4.32 4.70 4.01
N HIS A 25 -4.05 5.78 4.73
CA HIS A 25 -4.38 5.85 6.16
C HIS A 25 -5.80 6.33 6.41
N ASN A 26 -6.38 7.01 5.44
CA ASN A 26 -7.73 7.52 5.57
C ASN A 26 -8.74 6.38 5.44
N THR A 27 -8.53 5.52 4.45
CA THR A 27 -9.39 4.38 4.20
C THR A 27 -8.95 3.15 4.97
N ARG A 28 -7.67 3.15 5.38
CA ARG A 28 -7.06 2.01 6.06
C ARG A 28 -6.91 0.83 5.10
N ILE A 29 -6.76 1.15 3.83
CA ILE A 29 -6.72 0.14 2.78
C ILE A 29 -5.36 0.12 2.08
N THR A 30 -4.88 -1.09 1.79
CA THR A 30 -3.66 -1.27 1.03
C THR A 30 -3.98 -1.69 -0.40
N GLN A 31 -3.54 -0.89 -1.37
CA GLN A 31 -3.85 -1.13 -2.78
C GLN A 31 -2.59 -1.05 -3.63
N TRP A 32 -2.55 -1.79 -4.73
CA TRP A 32 -1.40 -1.80 -5.62
C TRP A 32 -1.31 -0.49 -6.40
N GLU A 33 -2.39 -0.16 -7.12
CA GLU A 33 -2.38 0.97 -8.04
C GLU A 33 -2.82 2.24 -7.34
N ASP A 34 -2.32 3.38 -7.80
CA ASP A 34 -2.69 4.66 -7.22
C ASP A 34 -3.63 5.42 -8.15
N PRO A 35 -4.66 6.07 -7.56
CA PRO A 35 -5.64 6.87 -8.30
C PRO A 35 -5.05 8.00 -9.17
N GLU B 1 -0.56 -13.92 -11.14
CA GLU B 1 -1.36 -12.95 -10.35
C GLU B 1 -1.21 -13.26 -8.85
N GLU B 2 -0.78 -12.27 -8.08
CA GLU B 2 -0.59 -12.47 -6.65
C GLU B 2 -1.53 -11.58 -5.82
N PRO B 3 -1.93 -12.05 -4.63
CA PRO B 3 -2.84 -11.33 -3.73
C PRO B 3 -2.14 -10.21 -2.94
N PRO B 4 -2.87 -9.13 -2.62
CA PRO B 4 -2.31 -8.01 -1.88
C PRO B 4 -2.18 -8.28 -0.38
N PRO B 5 -1.17 -7.67 0.26
CA PRO B 5 -0.95 -7.79 1.70
C PRO B 5 -1.90 -6.89 2.51
N PRO B 6 -2.26 -7.32 3.73
CA PRO B 6 -3.16 -6.58 4.60
C PRO B 6 -2.48 -5.41 5.32
N TYR B 7 -3.26 -4.37 5.59
CA TYR B 7 -2.79 -3.21 6.33
C TYR B 7 -2.74 -3.51 7.83
N GLU B 8 -3.90 -3.36 8.49
CA GLU B 8 -4.05 -3.65 9.92
C GLU B 8 -2.96 -3.01 10.79
N ASP B 9 -3.14 -1.73 11.08
CA ASP B 9 -2.28 -1.02 12.03
C ASP B 9 -2.96 0.28 12.46
N PRO A 5 3.09 9.04 -9.68
CA PRO A 5 3.55 9.56 -8.39
C PRO A 5 2.34 9.81 -7.51
N LEU A 6 2.43 9.46 -6.23
CA LEU A 6 1.22 9.42 -5.43
C LEU A 6 0.95 10.77 -4.76
N PRO A 7 -0.34 11.09 -4.58
CA PRO A 7 -0.79 12.25 -3.86
C PRO A 7 -0.94 11.87 -2.41
N PRO A 8 -0.07 12.32 -1.53
CA PRO A 8 0.15 11.59 -0.33
C PRO A 8 -0.74 11.95 0.84
N GLY A 9 -1.87 11.26 0.83
CA GLY A 9 -2.41 10.66 2.02
C GLY A 9 -1.84 9.26 2.07
N TRP A 10 -1.39 8.86 0.88
CA TRP A 10 -0.81 7.56 0.61
C TRP A 10 0.70 7.62 0.80
N GLU A 11 1.26 6.49 1.18
CA GLU A 11 2.69 6.40 1.41
C GLU A 11 3.21 5.13 0.74
N LYS A 12 4.42 5.21 0.24
CA LYS A 12 4.99 4.14 -0.51
C LYS A 12 5.75 3.21 0.45
N ARG A 13 5.09 2.12 0.85
CA ARG A 13 5.67 1.25 1.86
C ARG A 13 5.81 -0.18 1.35
N THR A 14 6.87 -0.82 1.82
CA THR A 14 7.17 -2.20 1.52
C THR A 14 6.64 -3.13 2.62
N ASP A 15 6.29 -4.35 2.24
CA ASP A 15 6.11 -5.40 3.21
C ASP A 15 7.47 -6.04 3.33
N SER A 16 7.78 -6.58 4.49
CA SER A 16 9.11 -6.47 5.10
C SER A 16 10.27 -6.31 4.10
N ASN A 17 10.49 -7.23 3.18
CA ASN A 17 11.66 -7.13 2.34
C ASN A 17 11.43 -6.35 1.03
N GLY A 18 10.85 -7.04 0.05
CA GLY A 18 10.89 -6.58 -1.33
C GLY A 18 9.75 -5.70 -1.79
N ARG A 19 8.54 -6.09 -1.44
CA ARG A 19 7.37 -5.67 -2.21
C ARG A 19 6.77 -4.38 -1.67
N VAL A 20 6.51 -3.46 -2.59
CA VAL A 20 6.01 -2.16 -2.23
C VAL A 20 4.60 -1.95 -2.78
N TYR A 21 3.79 -1.25 -2.01
CA TYR A 21 2.38 -1.08 -2.28
C TYR A 21 1.87 0.26 -1.74
N PHE A 22 0.86 0.83 -2.38
CA PHE A 22 0.38 2.16 -2.02
C PHE A 22 -0.68 2.03 -0.94
N VAL A 23 -0.31 2.43 0.25
CA VAL A 23 -1.13 2.24 1.42
C VAL A 23 -1.52 3.58 2.05
N ASN A 24 -2.76 3.66 2.51
CA ASN A 24 -3.25 4.87 3.18
C ASN A 24 -3.94 4.47 4.48
N HIS A 25 -3.58 5.13 5.58
CA HIS A 25 -4.12 4.78 6.88
C HIS A 25 -5.50 5.39 7.09
N ASN A 26 -5.78 6.46 6.35
CA ASN A 26 -7.08 7.11 6.46
C ASN A 26 -8.14 6.31 5.72
N THR A 27 -7.72 5.59 4.69
CA THR A 27 -8.61 4.67 3.99
C THR A 27 -8.56 3.28 4.63
N ARG A 28 -7.40 2.96 5.22
CA ARG A 28 -7.14 1.66 5.83
C ARG A 28 -7.14 0.57 4.78
N ILE A 29 -6.70 0.91 3.57
CA ILE A 29 -6.69 -0.03 2.46
C ILE A 29 -5.32 -0.05 1.79
N THR A 30 -4.87 -1.25 1.45
CA THR A 30 -3.63 -1.42 0.71
C THR A 30 -3.94 -1.70 -0.76
N GLN A 31 -3.74 -0.71 -1.62
CA GLN A 31 -4.10 -0.84 -3.02
C GLN A 31 -2.86 -0.89 -3.91
N TRP A 32 -3.00 -1.60 -5.04
CA TRP A 32 -1.95 -1.70 -6.04
C TRP A 32 -2.18 -0.68 -7.15
N GLU A 33 -3.20 0.15 -6.95
CA GLU A 33 -3.57 1.14 -7.94
C GLU A 33 -3.56 2.53 -7.30
N ASP A 34 -3.10 3.51 -8.06
CA ASP A 34 -3.03 4.89 -7.58
C ASP A 34 -4.20 5.72 -8.11
N PRO A 35 -4.96 6.36 -7.19
CA PRO A 35 -6.11 7.22 -7.49
C PRO A 35 -5.99 8.04 -8.78
N GLU B 1 -3.50 -12.69 -8.18
CA GLU B 1 -2.43 -13.65 -8.53
C GLU B 1 -1.50 -13.84 -7.34
N GLU B 2 -0.61 -12.89 -7.12
CA GLU B 2 0.13 -12.85 -5.88
C GLU B 2 -0.76 -12.18 -4.84
N PRO B 3 -0.66 -12.53 -3.56
CA PRO B 3 -1.54 -11.98 -2.56
C PRO B 3 -1.15 -10.57 -2.13
N PRO B 4 -2.15 -9.75 -1.78
CA PRO B 4 -1.91 -8.51 -1.06
C PRO B 4 -1.67 -8.79 0.42
N PRO B 5 -0.86 -7.96 1.09
CA PRO B 5 -0.77 -8.02 2.54
C PRO B 5 -1.97 -7.33 3.17
N PRO B 6 -2.42 -7.78 4.35
CA PRO B 6 -3.55 -7.18 5.03
C PRO B 6 -3.16 -5.88 5.73
N TYR B 7 -4.10 -4.95 5.82
CA TYR B 7 -3.85 -3.70 6.51
C TYR B 7 -3.95 -3.90 8.03
N GLU B 8 -2.80 -3.85 8.69
CA GLU B 8 -2.76 -4.01 10.14
C GLU B 8 -1.74 -3.05 10.76
N ASP B 9 -2.21 -2.19 11.64
CA ASP B 9 -1.34 -1.26 12.36
C ASP B 9 -1.20 -1.72 13.81
N PRO A 5 4.39 6.75 -9.25
CA PRO A 5 4.10 8.05 -8.65
C PRO A 5 2.74 8.07 -7.98
N LEU A 6 2.72 7.93 -6.66
CA LEU A 6 1.46 7.94 -5.92
C LEU A 6 1.09 9.36 -5.51
N PRO A 7 -0.22 9.66 -5.43
CA PRO A 7 -0.71 10.94 -4.96
C PRO A 7 -0.90 10.89 -3.47
N PRO A 8 -0.13 11.61 -2.67
CA PRO A 8 0.00 11.22 -1.30
C PRO A 8 -1.03 11.81 -0.35
N GLY A 9 -2.15 11.08 -0.27
CA GLY A 9 -2.74 10.72 0.99
C GLY A 9 -2.14 9.39 1.36
N TRP A 10 -1.63 8.77 0.29
CA TRP A 10 -1.00 7.45 0.30
C TRP A 10 0.48 7.61 0.56
N GLU A 11 1.08 6.61 1.18
CA GLU A 11 2.50 6.62 1.41
C GLU A 11 3.08 5.32 0.90
N LYS A 12 4.30 5.34 0.45
CA LYS A 12 4.90 4.18 -0.12
C LYS A 12 5.58 3.36 0.97
N ARG A 13 5.08 2.14 1.20
CA ARG A 13 5.71 1.23 2.14
C ARG A 13 5.96 -0.12 1.47
N THR A 14 7.01 -0.78 1.91
CA THR A 14 7.39 -2.07 1.39
C THR A 14 7.23 -3.11 2.49
N ASP A 15 6.94 -4.34 2.13
CA ASP A 15 6.97 -5.40 3.11
C ASP A 15 8.38 -5.92 3.06
N SER A 16 8.87 -6.43 4.18
CA SER A 16 10.25 -6.22 4.62
C SER A 16 11.25 -6.01 3.47
N ASN A 17 11.40 -6.97 2.57
CA ASN A 17 12.41 -6.81 1.54
C ASN A 17 11.87 -6.10 0.29
N GLY A 18 11.20 -6.89 -0.53
CA GLY A 18 10.94 -6.51 -1.91
C GLY A 18 9.66 -5.75 -2.20
N ARG A 19 8.56 -6.19 -1.61
CA ARG A 19 7.26 -5.92 -2.21
C ARG A 19 6.67 -4.61 -1.73
N VAL A 20 6.44 -3.73 -2.68
CA VAL A 20 5.92 -2.41 -2.40
C VAL A 20 4.42 -2.35 -2.67
N TYR A 21 3.73 -1.57 -1.86
CA TYR A 21 2.31 -1.38 -2.01
C TYR A 21 1.92 0.02 -1.54
N PHE A 22 0.87 0.57 -2.14
CA PHE A 22 0.44 1.91 -1.80
C PHE A 22 -0.58 1.83 -0.66
N VAL A 23 -0.21 2.37 0.48
CA VAL A 23 -1.00 2.25 1.67
C VAL A 23 -1.56 3.61 2.12
N ASN A 24 -2.86 3.64 2.35
CA ASN A 24 -3.53 4.86 2.76
C ASN A 24 -4.15 4.66 4.15
N HIS A 25 -3.70 5.45 5.12
CA HIS A 25 -4.16 5.29 6.50
C HIS A 25 -5.51 5.93 6.72
N ASN A 26 -5.83 6.91 5.88
CA ASN A 26 -7.10 7.62 5.98
C ASN A 26 -8.27 6.67 5.76
N THR A 27 -8.19 5.88 4.71
CA THR A 27 -9.20 4.89 4.41
C THR A 27 -8.89 3.54 5.07
N ARG A 28 -7.61 3.35 5.43
CA ARG A 28 -7.13 2.09 6.00
C ARG A 28 -7.20 0.96 4.98
N ILE A 29 -6.86 1.26 3.74
CA ILE A 29 -6.87 0.27 2.67
C ILE A 29 -5.52 0.21 1.98
N THR A 30 -5.00 -0.99 1.80
CA THR A 30 -3.77 -1.21 1.06
C THR A 30 -4.08 -1.60 -0.37
N GLN A 31 -3.69 -0.77 -1.32
CA GLN A 31 -3.99 -1.02 -2.73
C GLN A 31 -2.72 -1.02 -3.57
N TRP A 32 -2.72 -1.82 -4.62
CA TRP A 32 -1.59 -1.88 -5.54
C TRP A 32 -1.64 -0.72 -6.52
N GLU A 33 -2.84 -0.35 -6.92
CA GLU A 33 -3.03 0.61 -8.00
C GLU A 33 -3.18 2.03 -7.48
N ASP A 34 -2.53 2.95 -8.16
CA ASP A 34 -2.56 4.36 -7.79
C ASP A 34 -3.72 5.09 -8.48
N PRO A 35 -4.70 5.57 -7.68
CA PRO A 35 -5.85 6.31 -8.20
C PRO A 35 -5.45 7.64 -8.85
N GLU B 1 0.56 -12.19 -9.58
CA GLU B 1 0.75 -13.60 -9.15
C GLU B 1 0.99 -13.69 -7.65
N GLU B 2 1.42 -12.58 -7.04
CA GLU B 2 1.59 -12.52 -5.60
C GLU B 2 0.29 -12.09 -4.94
N PRO B 3 0.01 -12.55 -3.72
CA PRO B 3 -1.14 -12.09 -2.93
C PRO B 3 -0.85 -10.73 -2.29
N PRO B 4 -1.89 -9.90 -2.11
CA PRO B 4 -1.75 -8.62 -1.41
C PRO B 4 -1.69 -8.81 0.11
N PRO B 5 -0.97 -7.94 0.81
CA PRO B 5 -0.97 -7.93 2.27
C PRO B 5 -2.22 -7.27 2.83
N PRO B 6 -2.69 -7.71 4.00
CA PRO B 6 -3.81 -7.09 4.69
C PRO B 6 -3.41 -5.81 5.40
N TYR B 7 -4.33 -4.85 5.50
CA TYR B 7 -4.05 -3.64 6.25
C TYR B 7 -4.16 -3.91 7.74
N GLU B 8 -3.05 -3.81 8.44
CA GLU B 8 -3.02 -3.97 9.88
C GLU B 8 -2.60 -2.66 10.53
N ASP B 9 -1.50 -2.10 10.05
CA ASP B 9 -0.99 -0.82 10.52
C ASP B 9 -0.52 0.02 9.35
N PRO A 5 4.92 8.52 -6.75
CA PRO A 5 3.95 8.90 -7.77
C PRO A 5 2.51 8.71 -7.31
N LEU A 6 2.23 9.16 -6.10
CA LEU A 6 0.90 9.00 -5.52
C LEU A 6 0.38 10.30 -4.91
N PRO A 7 -0.94 10.49 -4.91
CA PRO A 7 -1.57 11.59 -4.20
C PRO A 7 -1.89 11.12 -2.80
N PRO A 8 -1.20 11.65 -1.78
CA PRO A 8 -0.97 10.86 -0.60
C PRO A 8 -2.02 10.94 0.49
N GLY A 9 -2.99 10.04 0.33
CA GLY A 9 -3.52 9.27 1.43
C GLY A 9 -2.68 8.02 1.50
N TRP A 10 -2.04 7.80 0.34
CA TRP A 10 -1.19 6.68 0.03
C TRP A 10 0.23 7.02 0.45
N GLU A 11 1.02 6.03 0.81
CA GLU A 11 2.35 6.27 1.27
C GLU A 11 3.11 5.05 0.88
N LYS A 12 4.32 5.22 0.47
CA LYS A 12 4.98 4.17 -0.20
C LYS A 12 5.70 3.31 0.82
N ARG A 13 5.13 2.16 1.14
CA ARG A 13 5.74 1.23 2.08
C ARG A 13 5.97 -0.11 1.43
N THR A 14 7.10 -0.70 1.74
CA THR A 14 7.42 -2.06 1.36
C THR A 14 6.96 -3.01 2.46
N ASP A 15 6.60 -4.22 2.11
CA ASP A 15 6.44 -5.24 3.12
C ASP A 15 7.80 -5.87 3.22
N SER A 16 8.13 -6.37 4.40
CA SER A 16 9.50 -6.35 4.92
C SER A 16 10.61 -6.37 3.87
N ASN A 17 10.63 -7.32 2.95
CA ASN A 17 11.76 -7.40 2.03
C ASN A 17 11.55 -6.59 0.74
N GLY A 18 10.81 -7.20 -0.18
CA GLY A 18 10.78 -6.73 -1.56
C GLY A 18 9.73 -5.72 -1.93
N ARG A 19 8.48 -6.04 -1.60
CA ARG A 19 7.35 -5.52 -2.35
C ARG A 19 6.80 -4.21 -1.81
N VAL A 20 6.63 -3.26 -2.70
CA VAL A 20 5.99 -2.00 -2.35
C VAL A 20 4.52 -2.03 -2.73
N TYR A 21 3.73 -1.40 -1.90
CA TYR A 21 2.31 -1.23 -2.10
C TYR A 21 1.88 0.11 -1.55
N PHE A 22 0.86 0.69 -2.14
CA PHE A 22 0.46 2.03 -1.76
C PHE A 22 -0.55 1.92 -0.64
N VAL A 23 -0.03 2.06 0.57
CA VAL A 23 -0.82 1.87 1.76
C VAL A 23 -1.45 3.20 2.18
N ASN A 24 -2.77 3.22 2.16
CA ASN A 24 -3.52 4.42 2.50
C ASN A 24 -3.93 4.36 3.96
N HIS A 25 -3.29 5.18 4.78
CA HIS A 25 -3.58 5.21 6.20
C HIS A 25 -4.88 5.96 6.48
N ASN A 26 -5.31 6.78 5.53
CA ASN A 26 -6.57 7.50 5.66
C ASN A 26 -7.75 6.54 5.49
N THR A 27 -7.72 5.72 4.45
CA THR A 27 -8.78 4.76 4.20
C THR A 27 -8.54 3.45 4.92
N ARG A 28 -7.26 3.20 5.27
CA ARG A 28 -6.82 1.98 5.94
C ARG A 28 -6.87 0.80 4.98
N ILE A 29 -6.63 1.08 3.70
CA ILE A 29 -6.65 0.04 2.68
C ILE A 29 -5.32 -0.04 1.95
N THR A 30 -4.84 -1.26 1.75
CA THR A 30 -3.62 -1.52 1.04
C THR A 30 -3.91 -1.79 -0.44
N GLN A 31 -3.56 -0.84 -1.30
CA GLN A 31 -3.85 -0.95 -2.72
C GLN A 31 -2.59 -0.77 -3.55
N TRP A 32 -2.56 -1.41 -4.70
CA TRP A 32 -1.46 -1.28 -5.65
C TRP A 32 -1.71 -0.07 -6.54
N GLU A 33 -2.88 0.54 -6.34
CA GLU A 33 -3.41 1.55 -7.24
C GLU A 33 -3.00 2.95 -6.79
N ASP A 34 -2.66 3.78 -7.77
CA ASP A 34 -2.48 5.20 -7.53
C ASP A 34 -3.53 6.00 -8.32
N PRO A 35 -4.63 6.38 -7.65
CA PRO A 35 -5.67 7.23 -8.25
C PRO A 35 -5.09 8.42 -9.01
N GLU B 1 2.03 -11.66 -10.38
CA GLU B 1 0.70 -12.06 -9.87
C GLU B 1 0.80 -12.53 -8.43
N GLU B 2 0.35 -11.69 -7.52
CA GLU B 2 0.44 -11.98 -6.10
C GLU B 2 -0.68 -11.27 -5.34
N PRO B 3 -1.15 -11.86 -4.24
CA PRO B 3 -2.22 -11.25 -3.43
C PRO B 3 -1.69 -10.12 -2.53
N PRO B 4 -2.52 -9.11 -2.25
CA PRO B 4 -2.14 -7.97 -1.42
C PRO B 4 -2.16 -8.31 0.08
N PRO B 5 -1.29 -7.66 0.86
CA PRO B 5 -1.23 -7.84 2.31
C PRO B 5 -2.34 -7.09 3.02
N PRO B 6 -2.81 -7.60 4.16
CA PRO B 6 -3.87 -6.97 4.95
C PRO B 6 -3.36 -5.80 5.77
N TYR B 7 -4.21 -4.81 5.99
CA TYR B 7 -3.78 -3.59 6.67
C TYR B 7 -3.68 -3.82 8.18
N GLU B 8 -2.46 -3.93 8.66
CA GLU B 8 -2.18 -4.01 10.08
C GLU B 8 -1.20 -2.91 10.48
N ASP B 9 -0.62 -2.26 9.46
CA ASP B 9 0.43 -1.28 9.70
C ASP B 9 -0.03 0.11 9.28
N PRO A 5 3.38 7.52 -10.03
CA PRO A 5 3.36 8.19 -8.74
C PRO A 5 1.98 8.16 -8.10
N LEU A 6 1.92 8.36 -6.79
CA LEU A 6 0.66 8.37 -6.08
C LEU A 6 0.25 9.80 -5.70
N PRO A 7 -1.06 10.06 -5.62
CA PRO A 7 -1.59 11.28 -5.05
C PRO A 7 -1.80 11.07 -3.56
N PRO A 8 -1.04 11.73 -2.69
CA PRO A 8 -0.77 11.14 -1.41
C PRO A 8 -1.76 11.45 -0.31
N GLY A 9 -2.76 10.59 -0.29
CA GLY A 9 -3.31 10.05 0.94
C GLY A 9 -2.53 8.78 1.21
N TRP A 10 -1.91 8.32 0.12
CA TRP A 10 -1.18 7.08 0.02
C TRP A 10 0.28 7.33 0.38
N GLU A 11 0.91 6.31 0.92
CA GLU A 11 2.31 6.36 1.25
C GLU A 11 2.97 5.13 0.63
N LYS A 12 4.22 5.27 0.24
CA LYS A 12 4.87 4.24 -0.51
C LYS A 12 5.68 3.35 0.44
N ARG A 13 5.07 2.26 0.89
CA ARG A 13 5.70 1.39 1.88
C ARG A 13 5.89 -0.02 1.36
N THR A 14 6.96 -0.65 1.82
CA THR A 14 7.28 -2.03 1.52
C THR A 14 6.75 -2.97 2.60
N ASP A 15 6.43 -4.18 2.20
CA ASP A 15 6.23 -5.26 3.13
C ASP A 15 7.59 -5.88 3.30
N SER A 16 7.84 -6.45 4.48
CA SER A 16 9.16 -6.45 5.10
C SER A 16 10.34 -6.42 4.11
N ASN A 17 10.43 -7.37 3.19
CA ASN A 17 11.60 -7.39 2.33
C ASN A 17 11.43 -6.58 1.04
N GLY A 18 10.76 -7.20 0.07
CA GLY A 18 10.76 -6.70 -1.29
C GLY A 18 9.64 -5.74 -1.67
N ARG A 19 8.44 -6.12 -1.31
CA ARG A 19 7.25 -5.71 -2.05
C ARG A 19 6.68 -4.39 -1.55
N VAL A 20 6.50 -3.45 -2.46
CA VAL A 20 6.02 -2.13 -2.11
C VAL A 20 4.57 -1.92 -2.59
N TYR A 21 3.80 -1.20 -1.79
CA TYR A 21 2.38 -1.05 -1.98
C TYR A 21 1.90 0.34 -1.57
N PHE A 22 0.83 0.82 -2.20
CA PHE A 22 0.30 2.13 -1.87
C PHE A 22 -0.72 1.97 -0.76
N VAL A 23 -0.34 2.42 0.43
CA VAL A 23 -1.15 2.23 1.60
C VAL A 23 -1.61 3.57 2.16
N ASN A 24 -2.84 3.61 2.65
CA ASN A 24 -3.38 4.80 3.27
C ASN A 24 -3.84 4.47 4.69
N HIS A 25 -3.34 5.20 5.67
CA HIS A 25 -3.67 4.96 7.08
C HIS A 25 -5.11 5.36 7.39
N ASN A 26 -5.56 6.41 6.73
CA ASN A 26 -6.91 6.93 6.95
C ASN A 26 -7.96 5.96 6.45
N THR A 27 -7.69 5.35 5.31
CA THR A 27 -8.61 4.38 4.72
C THR A 27 -8.34 2.98 5.28
N ARG A 28 -7.11 2.76 5.73
CA ARG A 28 -6.68 1.46 6.26
C ARG A 28 -6.65 0.43 5.15
N ILE A 29 -6.39 0.89 3.92
CA ILE A 29 -6.42 0.02 2.75
C ILE A 29 -5.06 -0.02 2.07
N THR A 30 -4.68 -1.20 1.61
CA THR A 30 -3.45 -1.42 0.87
C THR A 30 -3.75 -1.80 -0.57
N GLN A 31 -3.31 -0.98 -1.53
CA GLN A 31 -3.64 -1.19 -2.93
C GLN A 31 -2.41 -1.23 -3.84
N TRP A 32 -2.51 -1.99 -4.91
CA TRP A 32 -1.48 -2.02 -5.94
C TRP A 32 -1.78 -0.97 -7.00
N GLU A 33 -3.04 -0.58 -7.07
CA GLU A 33 -3.52 0.35 -8.06
C GLU A 33 -3.56 1.75 -7.49
N ASP A 34 -3.39 2.74 -8.34
CA ASP A 34 -3.51 4.13 -7.94
C ASP A 34 -4.78 4.72 -8.53
N PRO A 35 -5.68 5.24 -7.69
CA PRO A 35 -6.80 6.05 -8.15
C PRO A 35 -6.30 7.27 -8.92
N GLU B 1 0.64 -9.09 -9.78
CA GLU B 1 0.90 -10.55 -9.93
C GLU B 1 0.62 -11.26 -8.63
N GLU B 2 1.03 -10.63 -7.55
CA GLU B 2 0.84 -11.15 -6.22
C GLU B 2 -0.44 -10.60 -5.61
N PRO B 3 -1.10 -11.38 -4.74
CA PRO B 3 -2.28 -10.93 -4.02
C PRO B 3 -1.89 -10.00 -2.87
N PRO B 4 -2.74 -9.03 -2.52
CA PRO B 4 -2.34 -7.98 -1.59
C PRO B 4 -2.36 -8.42 -0.13
N PRO B 5 -1.45 -7.83 0.66
CA PRO B 5 -1.42 -8.01 2.10
C PRO B 5 -2.50 -7.17 2.80
N PRO B 6 -3.03 -7.65 3.93
CA PRO B 6 -3.95 -6.87 4.74
C PRO B 6 -3.20 -5.83 5.56
N TYR B 7 -3.83 -4.70 5.83
CA TYR B 7 -3.15 -3.59 6.48
C TYR B 7 -3.01 -3.83 7.98
N GLU B 8 -1.79 -3.64 8.47
CA GLU B 8 -1.49 -3.80 9.88
C GLU B 8 -0.95 -2.49 10.42
N ASP B 9 -1.30 -2.17 11.65
CA ASP B 9 -0.81 -0.96 12.30
C ASP B 9 0.59 -1.22 12.86
#